data_5J1H
#
_entry.id   5J1H
#
_cell.length_a   178.140
_cell.length_b   178.140
_cell.length_c   50.680
_cell.angle_alpha   90.00
_cell.angle_beta   90.00
_cell.angle_gamma   120.00
#
_symmetry.space_group_name_H-M   'H 3'
#
loop_
_entity.id
_entity.type
_entity.pdbx_description
1 polymer Plectin,Plectin
2 water water
#
_entity_poly.entity_id   1
_entity_poly.type   'polypeptide(L)'
_entity_poly.pdbx_seq_one_letter_code
;GSHMAYAQFFSDVREAEGQLQKLQEALRRKYSCDRSATVTRLEDLLQDAQDEKEQLNEYKGHLSGLAKRAKAVGSGSGNQ
EAQEAVTRLEAQHQALVTLWHQLHVDMKSLLAWQSLRRDVQLIRSWSLATFRTLKPEEQRQALHSLELHYQAFLRDSQDA
GGFGPEDRLMAEREYGSCSHHYQQLLQSLEQGAQEE
;
_entity_poly.pdbx_strand_id   A,B
#
# COMPACT_ATOMS: atom_id res chain seq x y z
N ALA A 5 25.87 17.74 27.37
CA ALA A 5 24.54 18.24 27.05
C ALA A 5 24.34 18.32 25.55
N TYR A 6 25.41 18.62 24.82
CA TYR A 6 25.36 18.66 23.36
C TYR A 6 25.21 17.26 22.80
N ALA A 7 25.69 16.26 23.55
CA ALA A 7 25.60 14.87 23.13
C ALA A 7 24.15 14.45 22.92
N GLN A 8 23.32 14.69 23.92
CA GLN A 8 21.89 14.32 23.86
C GLN A 8 21.22 15.00 22.67
N PHE A 9 21.67 16.20 22.34
CA PHE A 9 21.13 16.95 21.21
C PHE A 9 21.62 16.40 19.89
N PHE A 10 22.94 16.30 19.75
CA PHE A 10 23.53 15.83 18.49
C PHE A 10 23.20 14.38 18.21
N SER A 11 22.89 13.63 19.25
CA SER A 11 22.41 12.26 19.09
C SER A 11 21.03 12.28 18.45
N ASP A 12 20.19 13.20 18.89
CA ASP A 12 18.86 13.36 18.35
C ASP A 12 18.92 13.87 16.91
N VAL A 13 19.92 14.69 16.62
CA VAL A 13 20.14 15.20 15.28
C VAL A 13 20.48 14.07 14.33
N ARG A 14 21.43 13.24 14.74
CA ARG A 14 21.86 12.10 13.95
C ARG A 14 20.71 11.11 13.77
N GLU A 15 19.91 10.95 14.81
CA GLU A 15 18.72 10.11 14.77
C GLU A 15 17.72 10.66 13.77
N ALA A 16 17.51 11.97 13.81
CA ALA A 16 16.59 12.64 12.91
C ALA A 16 17.14 12.63 11.48
N GLU A 17 18.45 12.70 11.35
CA GLU A 17 19.10 12.68 10.04
C GLU A 17 18.89 11.34 9.36
N GLY A 18 18.91 10.27 10.15
CA GLY A 18 18.73 8.93 9.63
C GLY A 18 17.32 8.62 9.17
N GLN A 19 16.33 9.12 9.90
CA GLN A 19 14.92 8.86 9.58
C GLN A 19 14.53 9.46 8.23
N LEU A 20 15.00 10.67 7.96
CA LEU A 20 14.71 11.35 6.71
C LEU A 20 15.34 10.60 5.54
N GLN A 21 16.58 10.15 5.73
CA GLN A 21 17.27 9.37 4.72
C GLN A 21 16.53 8.06 4.48
N LYS A 22 16.09 7.43 5.57
CA LYS A 22 15.32 6.20 5.50
C LYS A 22 14.01 6.45 4.78
N LEU A 23 13.42 7.62 5.03
CA LEU A 23 12.15 8.00 4.41
C LEU A 23 12.34 8.24 2.91
N GLN A 24 13.50 8.76 2.53
CA GLN A 24 13.82 9.00 1.13
C GLN A 24 13.88 7.70 0.35
N GLU A 25 14.56 6.71 0.91
CA GLU A 25 14.71 5.41 0.26
C GLU A 25 13.37 4.68 0.19
N ALA A 26 12.51 4.95 1.17
CA ALA A 26 11.19 4.34 1.18
C ALA A 26 10.33 4.88 0.04
N LEU A 27 10.44 6.19 -0.22
CA LEU A 27 9.69 6.82 -1.30
C LEU A 27 10.15 6.29 -2.66
N ARG A 28 11.46 6.24 -2.87
CA ARG A 28 12.01 5.76 -4.14
C ARG A 28 11.62 4.31 -4.41
N ARG A 29 11.72 3.47 -3.39
CA ARG A 29 11.47 2.03 -3.52
C ARG A 29 9.99 1.73 -3.80
N LYS A 30 9.10 2.47 -3.13
CA LYS A 30 7.68 2.20 -3.22
C LYS A 30 7.00 2.85 -4.42
N TYR A 31 7.39 4.08 -4.75
CA TYR A 31 6.62 4.86 -5.70
C TYR A 31 7.37 5.29 -6.96
N SER A 32 8.42 4.56 -7.32
CA SER A 32 9.07 4.77 -8.60
C SER A 32 8.43 3.88 -9.65
N CYS A 33 7.42 4.40 -10.33
CA CYS A 33 6.66 3.63 -11.30
C CYS A 33 7.06 3.96 -12.72
N ASP A 34 6.81 3.01 -13.63
CA ASP A 34 7.10 3.21 -15.04
C ASP A 34 5.83 2.95 -15.85
N ARG A 35 5.98 2.81 -17.17
CA ARG A 35 4.84 2.64 -18.05
C ARG A 35 4.41 1.17 -18.15
N SER A 36 4.91 0.34 -17.23
CA SER A 36 4.52 -1.06 -17.19
C SER A 36 3.64 -1.35 -15.99
N ALA A 37 3.36 -0.32 -15.20
CA ALA A 37 2.52 -0.45 -14.01
C ALA A 37 1.05 -0.51 -14.40
N THR A 38 0.32 -1.47 -13.82
CA THR A 38 -1.11 -1.60 -14.08
C THR A 38 -1.90 -0.45 -13.47
N VAL A 39 -3.15 -0.30 -13.89
CA VAL A 39 -3.99 0.79 -13.39
C VAL A 39 -4.34 0.58 -11.92
N THR A 40 -4.72 -0.65 -11.58
CA THR A 40 -5.10 -0.98 -10.21
C THR A 40 -3.97 -0.72 -9.23
N ARG A 41 -2.75 -1.06 -9.62
CA ARG A 41 -1.58 -0.86 -8.77
C ARG A 41 -1.28 0.62 -8.54
N LEU A 42 -1.33 1.41 -9.62
CA LEU A 42 -1.07 2.84 -9.54
C LEU A 42 -2.05 3.52 -8.60
N GLU A 43 -3.31 3.08 -8.66
CA GLU A 43 -4.34 3.62 -7.78
C GLU A 43 -4.04 3.29 -6.33
N ASP A 44 -3.67 2.04 -6.07
CA ASP A 44 -3.34 1.59 -4.72
C ASP A 44 -2.16 2.36 -4.14
N LEU A 45 -1.11 2.54 -4.93
CA LEU A 45 0.08 3.24 -4.47
C LEU A 45 -0.20 4.71 -4.23
N LEU A 46 -1.15 5.27 -4.97
CA LEU A 46 -1.47 6.69 -4.83
C LEU A 46 -2.08 7.02 -3.48
N GLN A 47 -2.89 6.11 -2.95
CA GLN A 47 -3.47 6.32 -1.62
C GLN A 47 -2.50 5.88 -0.53
N ASP A 48 -1.59 4.98 -0.87
CA ASP A 48 -0.54 4.58 0.06
C ASP A 48 0.41 5.73 0.31
N ALA A 49 0.59 6.56 -0.71
CA ALA A 49 1.52 7.68 -0.67
C ALA A 49 1.10 8.72 0.36
N GLN A 50 -0.20 8.76 0.67
CA GLN A 50 -0.74 9.73 1.62
C GLN A 50 -0.18 9.50 3.02
N ASP A 51 0.08 8.23 3.35
CA ASP A 51 0.62 7.88 4.65
C ASP A 51 2.03 8.43 4.83
N GLU A 52 2.85 8.32 3.78
CA GLU A 52 4.18 8.91 3.79
C GLU A 52 4.09 10.43 3.84
N LYS A 53 3.09 10.96 3.15
CA LYS A 53 2.84 12.40 3.10
C LYS A 53 2.53 12.98 4.47
N GLU A 54 1.80 12.20 5.27
CA GLU A 54 1.38 12.67 6.59
C GLU A 54 2.53 12.66 7.58
N GLN A 55 3.46 11.73 7.39
CA GLN A 55 4.64 11.66 8.24
C GLN A 55 5.49 12.92 8.07
N LEU A 56 5.59 13.39 6.83
CA LEU A 56 6.37 14.57 6.51
C LEU A 56 5.81 15.82 7.19
N ASN A 57 4.48 15.89 7.28
CA ASN A 57 3.83 17.01 7.94
C ASN A 57 4.08 16.96 9.44
N GLU A 58 3.98 15.76 10.00
CA GLU A 58 4.18 15.56 11.43
C GLU A 58 5.64 15.75 11.82
N TYR A 59 6.53 15.72 10.83
CA TYR A 59 7.96 15.86 11.08
C TYR A 59 8.35 17.33 11.18
N LYS A 60 7.46 18.22 10.76
CA LYS A 60 7.71 19.66 10.86
C LYS A 60 7.82 20.07 12.32
N GLY A 61 6.92 19.53 13.13
CA GLY A 61 6.92 19.83 14.56
C GLY A 61 8.12 19.22 15.25
N HIS A 62 8.65 18.16 14.64
CA HIS A 62 9.84 17.50 15.15
C HIS A 62 11.08 18.35 14.88
N LEU A 63 11.13 18.93 13.69
CA LEU A 63 12.25 19.78 13.30
C LEU A 63 12.25 21.09 14.07
N SER A 64 11.07 21.67 14.24
CA SER A 64 10.92 22.92 14.97
C SER A 64 11.33 22.74 16.43
N GLY A 65 11.03 21.55 16.96
CA GLY A 65 11.43 21.21 18.31
C GLY A 65 12.93 21.17 18.49
N LEU A 66 13.64 20.72 17.45
CA LEU A 66 15.10 20.69 17.49
C LEU A 66 15.66 22.07 17.22
N ALA A 67 14.93 22.88 16.46
CA ALA A 67 15.34 24.24 16.17
C ALA A 67 15.39 25.07 17.44
N LYS A 68 14.39 24.90 18.31
CA LYS A 68 14.35 25.58 19.59
C LYS A 68 15.51 25.15 20.47
N ARG A 69 15.65 23.84 20.65
CA ARG A 69 16.70 23.27 21.48
C ARG A 69 18.09 23.65 20.97
N ALA A 70 18.19 23.85 19.66
CA ALA A 70 19.46 24.23 19.05
C ALA A 70 19.91 25.60 19.53
N LYS A 71 18.95 26.51 19.70
CA LYS A 71 19.25 27.87 20.14
C LYS A 71 19.77 27.92 21.56
N ALA A 72 19.19 27.09 22.43
CA ALA A 72 19.57 27.09 23.85
C ALA A 72 20.73 26.14 24.14
N VAL A 73 21.82 26.29 23.39
CA VAL A 73 23.01 25.49 23.60
C VAL A 73 24.26 26.37 23.61
N SER A 77 28.49 29.07 22.48
CA SER A 77 29.80 28.93 21.86
C SER A 77 29.68 28.41 20.44
N GLY A 78 29.78 27.09 20.30
CA GLY A 78 29.60 26.43 19.01
C GLY A 78 28.14 26.23 18.67
N ASN A 79 27.29 27.11 19.20
CA ASN A 79 25.85 27.05 19.01
C ASN A 79 25.48 27.21 17.54
N GLN A 80 26.34 27.90 16.80
CA GLN A 80 26.11 28.12 15.37
C GLN A 80 26.11 26.81 14.62
N GLU A 81 26.98 25.89 15.04
CA GLU A 81 27.06 24.57 14.43
C GLU A 81 25.79 23.79 14.71
N ALA A 82 25.26 23.93 15.93
CA ALA A 82 24.03 23.26 16.33
C ALA A 82 22.85 23.76 15.52
N GLN A 83 22.87 25.05 15.18
CA GLN A 83 21.79 25.64 14.38
C GLN A 83 21.99 25.37 12.90
N GLU A 84 23.26 25.28 12.48
CA GLU A 84 23.59 24.99 11.09
C GLU A 84 23.24 23.54 10.75
N ALA A 85 23.19 22.69 11.77
CA ALA A 85 22.84 21.29 11.58
C ALA A 85 21.33 21.12 11.40
N VAL A 86 20.55 21.80 12.22
CA VAL A 86 19.10 21.75 12.13
C VAL A 86 18.66 22.35 10.81
N THR A 87 19.29 23.46 10.44
CA THR A 87 19.06 24.11 9.16
C THR A 87 19.35 23.11 8.03
N ARG A 88 20.42 22.33 8.21
CA ARG A 88 20.79 21.33 7.22
C ARG A 88 19.74 20.23 7.11
N LEU A 89 18.99 20.01 8.19
CA LEU A 89 17.93 19.01 8.20
C LEU A 89 16.65 19.53 7.53
N GLU A 90 16.35 20.80 7.77
CA GLU A 90 15.16 21.41 7.20
C GLU A 90 15.28 21.49 5.68
N ALA A 91 16.51 21.69 5.21
CA ALA A 91 16.78 21.66 3.77
C ALA A 91 16.62 20.24 3.26
N GLN A 92 17.03 19.28 4.09
CA GLN A 92 16.91 17.86 3.76
C GLN A 92 15.45 17.43 3.75
N HIS A 93 14.67 18.00 4.66
CA HIS A 93 13.26 17.66 4.78
C HIS A 93 12.44 18.20 3.62
N GLN A 94 12.71 19.44 3.24
CA GLN A 94 12.00 20.06 2.13
C GLN A 94 12.23 19.29 0.83
N ALA A 95 13.40 18.68 0.72
CA ALA A 95 13.73 17.86 -0.44
C ALA A 95 12.78 16.67 -0.55
N LEU A 96 12.44 16.10 0.60
CA LEU A 96 11.53 14.95 0.64
C LEU A 96 10.11 15.34 0.21
N VAL A 97 9.65 16.49 0.69
CA VAL A 97 8.32 16.96 0.33
C VAL A 97 8.31 17.24 -1.17
N THR A 98 9.38 17.86 -1.67
CA THR A 98 9.52 18.10 -3.10
C THR A 98 9.54 16.79 -3.86
N LEU A 99 10.26 15.82 -3.31
CA LEU A 99 10.33 14.49 -3.91
C LEU A 99 9.00 13.77 -3.87
N TRP A 100 8.29 13.90 -2.75
CA TRP A 100 7.01 13.22 -2.59
C TRP A 100 6.03 13.70 -3.65
N HIS A 101 5.99 15.02 -3.86
CA HIS A 101 5.10 15.60 -4.85
C HIS A 101 5.47 15.19 -6.26
N GLN A 102 6.77 15.09 -6.53
CA GLN A 102 7.22 14.71 -7.86
C GLN A 102 6.85 13.25 -8.16
N LEU A 103 7.07 12.36 -7.19
CA LEU A 103 6.68 10.98 -7.34
C LEU A 103 5.16 10.87 -7.45
N HIS A 104 4.46 11.70 -6.69
CA HIS A 104 3.00 11.70 -6.67
C HIS A 104 2.43 12.12 -8.03
N VAL A 105 2.91 13.23 -8.56
CA VAL A 105 2.41 13.75 -9.82
C VAL A 105 2.85 12.84 -10.98
N ASP A 106 3.95 12.11 -10.79
CA ASP A 106 4.39 11.16 -11.80
C ASP A 106 3.41 9.99 -11.89
N MET A 107 2.95 9.51 -10.74
CA MET A 107 2.05 8.36 -10.70
C MET A 107 0.68 8.72 -11.28
N LYS A 108 0.25 9.95 -11.04
CA LYS A 108 -1.01 10.42 -11.58
C LYS A 108 -0.96 10.51 -13.10
N SER A 109 0.16 11.01 -13.62
CA SER A 109 0.33 11.10 -15.07
C SER A 109 0.28 9.70 -15.70
N LEU A 110 0.97 8.75 -15.08
CA LEU A 110 0.94 7.37 -15.56
C LEU A 110 -0.46 6.80 -15.52
N LEU A 111 -1.14 7.03 -14.40
CA LEU A 111 -2.51 6.58 -14.21
C LEU A 111 -3.42 7.12 -15.31
N ALA A 112 -3.32 8.41 -15.56
CA ALA A 112 -4.13 9.03 -16.61
C ALA A 112 -3.77 8.42 -17.96
N TRP A 113 -2.48 8.28 -18.20
CA TRP A 113 -1.95 7.76 -19.46
C TRP A 113 -2.37 6.32 -19.72
N GLN A 114 -2.27 5.48 -18.70
CA GLN A 114 -2.64 4.07 -18.84
C GLN A 114 -4.12 3.93 -19.12
N SER A 115 -4.92 4.75 -18.45
CA SER A 115 -6.37 4.75 -18.63
C SER A 115 -6.75 5.22 -20.03
N LEU A 116 -6.15 6.33 -20.46
CA LEU A 116 -6.41 6.88 -21.78
C LEU A 116 -6.10 5.87 -22.87
N ARG A 117 -5.09 5.03 -22.64
CA ARG A 117 -4.73 3.96 -23.57
C ARG A 117 -5.84 2.92 -23.66
N ARG A 118 -6.38 2.53 -22.50
CA ARG A 118 -7.47 1.55 -22.45
C ARG A 118 -8.69 2.03 -23.21
N ASP A 119 -8.96 3.33 -23.11
CA ASP A 119 -10.10 3.95 -23.77
C ASP A 119 -9.90 4.02 -25.29
N VAL A 120 -8.74 4.55 -25.68
CA VAL A 120 -8.38 4.70 -27.09
C VAL A 120 -8.38 3.35 -27.80
N GLN A 121 -7.83 2.33 -27.14
CA GLN A 121 -7.83 1.00 -27.71
C GLN A 121 -9.24 0.48 -27.89
N LEU A 122 -10.05 0.64 -26.85
CA LEU A 122 -11.43 0.19 -26.84
C LEU A 122 -12.24 0.81 -27.97
N ILE A 123 -12.18 2.13 -28.10
CA ILE A 123 -12.97 2.84 -29.09
C ILE A 123 -12.49 2.54 -30.51
N ARG A 124 -11.18 2.45 -30.68
CA ARG A 124 -10.61 2.21 -32.00
C ARG A 124 -10.83 0.76 -32.43
N SER A 125 -11.21 -0.08 -31.47
CA SER A 125 -11.50 -1.48 -31.74
C SER A 125 -12.89 -1.65 -32.36
N TRP A 126 -13.69 -0.59 -32.30
CA TRP A 126 -15.04 -0.61 -32.83
C TRP A 126 -15.07 -0.69 -34.34
N SER A 127 -15.83 -1.66 -34.86
CA SER A 127 -16.17 -1.69 -36.27
C SER A 127 -17.67 -1.44 -36.38
N LEU A 128 -18.12 -1.11 -37.59
CA LEU A 128 -19.52 -0.79 -37.83
C LEU A 128 -20.45 -1.92 -37.40
N ALA A 129 -19.98 -3.16 -37.54
CA ALA A 129 -20.77 -4.32 -37.14
C ALA A 129 -20.82 -4.46 -35.62
N THR A 130 -19.71 -4.12 -34.96
CA THR A 130 -19.62 -4.15 -33.51
C THR A 130 -20.39 -2.98 -32.89
N PHE A 131 -20.32 -1.84 -33.58
CA PHE A 131 -20.97 -0.61 -33.13
C PHE A 131 -22.49 -0.73 -33.10
N ARG A 132 -23.05 -1.43 -34.07
CA ARG A 132 -24.50 -1.60 -34.19
C ARG A 132 -25.08 -2.40 -33.02
N THR A 133 -24.31 -3.34 -32.50
CA THR A 133 -24.80 -4.21 -31.42
C THR A 133 -24.82 -3.48 -30.09
N LEU A 134 -24.29 -2.25 -30.09
CA LEU A 134 -24.19 -1.46 -28.87
C LEU A 134 -25.38 -0.51 -28.70
N LYS A 135 -25.83 -0.38 -27.45
CA LYS A 135 -26.82 0.64 -27.11
C LYS A 135 -26.15 2.00 -27.02
N PRO A 136 -26.87 3.07 -27.39
CA PRO A 136 -26.33 4.44 -27.36
C PRO A 136 -25.75 4.82 -26.00
N GLU A 137 -26.31 4.27 -24.93
CA GLU A 137 -25.81 4.53 -23.59
C GLU A 137 -24.41 3.94 -23.43
N GLU A 138 -24.17 2.83 -24.11
CA GLU A 138 -22.88 2.14 -24.04
C GLU A 138 -21.84 2.81 -24.94
N GLN A 139 -22.29 3.31 -26.09
CA GLN A 139 -21.43 4.06 -26.99
C GLN A 139 -20.94 5.34 -26.30
N ARG A 140 -21.90 6.16 -25.87
CA ARG A 140 -21.61 7.43 -25.21
C ARG A 140 -20.76 7.26 -23.96
N GLN A 141 -20.91 6.13 -23.28
CA GLN A 141 -20.17 5.85 -22.05
C GLN A 141 -18.68 5.75 -22.33
N ALA A 142 -18.34 5.05 -23.41
CA ALA A 142 -16.94 4.85 -23.79
C ALA A 142 -16.27 6.18 -24.14
N LEU A 143 -17.05 7.13 -24.62
CA LEU A 143 -16.51 8.45 -24.94
C LEU A 143 -16.47 9.35 -23.71
N HIS A 144 -17.32 9.06 -22.73
CA HIS A 144 -17.25 9.72 -21.43
C HIS A 144 -15.93 9.37 -20.75
N SER A 145 -15.60 8.09 -20.77
CA SER A 145 -14.39 7.60 -20.13
C SER A 145 -13.15 8.09 -20.88
N LEU A 146 -13.30 8.32 -22.19
CA LEU A 146 -12.21 8.80 -23.02
C LEU A 146 -11.83 10.24 -22.66
N GLU A 147 -12.82 11.13 -22.56
CA GLU A 147 -12.54 12.54 -22.29
C GLU A 147 -12.11 12.76 -20.85
N LEU A 148 -12.63 11.93 -19.96
CA LEU A 148 -12.28 12.01 -18.55
C LEU A 148 -10.78 11.78 -18.36
N HIS A 149 -10.26 10.74 -19.02
CA HIS A 149 -8.86 10.36 -18.87
C HIS A 149 -7.94 11.16 -19.80
N TYR A 150 -8.48 11.62 -20.92
CA TYR A 150 -7.73 12.50 -21.81
C TYR A 150 -7.42 13.84 -21.13
N GLN A 151 -8.45 14.51 -20.61
CA GLN A 151 -8.30 15.81 -19.99
C GLN A 151 -7.47 15.75 -18.71
N ALA A 152 -7.53 14.62 -18.03
CA ALA A 152 -6.73 14.39 -16.83
C ALA A 152 -5.25 14.30 -17.21
N PHE A 153 -4.98 13.72 -18.36
CA PHE A 153 -3.61 13.54 -18.83
C PHE A 153 -2.97 14.88 -19.19
N LEU A 154 -3.73 15.75 -19.86
CA LEU A 154 -3.21 17.07 -20.22
C LEU A 154 -2.89 17.87 -18.96
N ARG A 155 -3.59 17.54 -17.88
CA ARG A 155 -3.46 18.27 -16.62
C ARG A 155 -2.30 17.76 -15.77
N ASP A 156 -2.20 16.44 -15.65
CA ASP A 156 -1.28 15.82 -14.70
C ASP A 156 0.09 15.48 -15.29
N SER A 157 0.23 15.63 -16.60
CA SER A 157 1.51 15.33 -17.25
C SER A 157 2.43 16.55 -17.26
N GLN A 158 1.89 17.70 -16.89
CA GLN A 158 2.65 18.95 -16.93
C GLN A 158 3.91 18.89 -16.07
N ASP A 159 3.74 18.67 -14.78
CA ASP A 159 4.88 18.63 -13.86
C ASP A 159 5.51 17.24 -13.82
N ALA A 160 4.96 16.32 -14.61
CA ALA A 160 5.47 14.96 -14.66
C ALA A 160 6.71 14.90 -15.53
N GLY A 161 7.74 14.21 -15.04
CA GLY A 161 8.99 14.10 -15.77
C GLY A 161 8.98 13.02 -16.83
N GLY A 162 8.05 12.08 -16.70
CA GLY A 162 7.96 10.97 -17.63
C GLY A 162 7.21 11.30 -18.91
N PHE A 163 6.64 12.49 -18.99
CA PHE A 163 5.90 12.93 -20.17
C PHE A 163 6.21 14.38 -20.52
N GLY A 164 6.04 14.72 -21.79
CA GLY A 164 6.28 16.08 -22.25
C GLY A 164 5.26 16.54 -23.27
N PRO A 165 5.45 17.75 -23.80
CA PRO A 165 4.55 18.35 -24.80
C PRO A 165 4.31 17.47 -26.01
N GLU A 166 5.29 16.64 -26.36
CA GLU A 166 5.15 15.73 -27.47
C GLU A 166 4.15 14.62 -27.14
N ASP A 167 4.03 14.29 -25.85
CA ASP A 167 3.09 13.27 -25.41
C ASP A 167 1.68 13.84 -25.34
N ARG A 168 1.56 15.14 -25.08
CA ARG A 168 0.26 15.80 -25.12
C ARG A 168 -0.18 16.00 -26.57
N LEU A 169 0.79 16.27 -27.44
CA LEU A 169 0.55 16.40 -28.87
C LEU A 169 -0.05 15.11 -29.41
N MET A 170 0.53 13.98 -29.01
CA MET A 170 0.09 12.67 -29.48
C MET A 170 -1.25 12.30 -28.86
N ALA A 171 -1.41 12.61 -27.59
CA ALA A 171 -2.64 12.31 -26.87
C ALA A 171 -3.83 12.95 -27.57
N GLU A 172 -3.69 14.23 -27.90
CA GLU A 172 -4.73 14.96 -28.62
C GLU A 172 -5.06 14.23 -29.91
N ARG A 173 -4.01 13.76 -30.59
CA ARG A 173 -4.17 13.06 -31.86
C ARG A 173 -4.89 11.74 -31.66
N GLU A 174 -4.46 10.97 -30.66
CA GLU A 174 -5.09 9.70 -30.33
C GLU A 174 -6.53 9.90 -29.87
N TYR A 175 -6.77 10.98 -29.14
CA TYR A 175 -8.11 11.32 -28.68
C TYR A 175 -9.02 11.65 -29.86
N GLY A 176 -8.60 12.62 -30.67
CA GLY A 176 -9.36 13.05 -31.83
C GLY A 176 -9.59 11.91 -32.79
N SER A 177 -8.64 10.98 -32.80
CA SER A 177 -8.72 9.76 -33.59
C SER A 177 -9.99 8.99 -33.28
N CYS A 178 -10.30 8.87 -31.98
CA CYS A 178 -11.48 8.15 -31.54
C CYS A 178 -12.76 8.96 -31.76
N SER A 179 -12.69 10.26 -31.53
CA SER A 179 -13.82 11.14 -31.81
C SER A 179 -14.21 11.06 -33.28
N HIS A 180 -13.20 11.05 -34.15
CA HIS A 180 -13.41 10.94 -35.59
C HIS A 180 -14.07 9.61 -35.93
N HIS A 181 -13.53 8.53 -35.36
CA HIS A 181 -14.06 7.19 -35.60
C HIS A 181 -15.52 7.10 -35.17
N TYR A 182 -15.80 7.69 -34.00
CA TYR A 182 -17.15 7.75 -33.46
C TYR A 182 -18.10 8.51 -34.37
N GLN A 183 -17.67 9.70 -34.80
CA GLN A 183 -18.45 10.53 -35.70
C GLN A 183 -18.72 9.80 -37.01
N GLN A 184 -17.72 9.07 -37.49
CA GLN A 184 -17.84 8.29 -38.72
C GLN A 184 -18.81 7.12 -38.57
N LEU A 185 -18.79 6.48 -37.40
CA LEU A 185 -19.65 5.33 -37.15
C LEU A 185 -21.12 5.74 -37.02
N LEU A 186 -21.35 6.90 -36.40
CA LEU A 186 -22.72 7.43 -36.27
C LEU A 186 -23.30 7.82 -37.62
N GLN A 187 -22.46 8.36 -38.49
CA GLN A 187 -22.90 8.86 -39.79
C GLN A 187 -23.33 7.71 -40.69
N SER A 188 -22.96 6.49 -40.33
CA SER A 188 -23.33 5.31 -41.12
C SER A 188 -24.70 4.77 -40.70
N LEU A 189 -25.03 4.92 -39.43
CA LEU A 189 -26.28 4.38 -38.90
C LEU A 189 -27.48 5.24 -39.30
N GLU A 190 -27.25 6.54 -39.49
CA GLU A 190 -28.31 7.47 -39.82
C GLU A 190 -28.72 7.35 -41.28
N ALA B 5 25.98 -10.74 41.27
CA ALA B 5 25.59 -12.09 40.85
C ALA B 5 24.08 -12.17 40.64
N TYR B 6 23.33 -12.05 41.73
CA TYR B 6 21.86 -12.10 41.67
C TYR B 6 21.32 -10.85 40.97
N ALA B 7 21.95 -9.71 41.23
CA ALA B 7 21.54 -8.44 40.63
C ALA B 7 21.70 -8.47 39.11
N GLN B 8 22.77 -9.10 38.65
CA GLN B 8 23.07 -9.17 37.23
C GLN B 8 22.00 -9.95 36.48
N PHE B 9 21.53 -11.04 37.09
CA PHE B 9 20.51 -11.88 36.48
C PHE B 9 19.15 -11.17 36.40
N PHE B 10 18.71 -10.62 37.52
CA PHE B 10 17.40 -9.96 37.57
C PHE B 10 17.35 -8.73 36.66
N SER B 11 18.52 -8.16 36.37
CA SER B 11 18.61 -7.07 35.41
C SER B 11 18.28 -7.56 34.01
N ASP B 12 18.87 -8.69 33.64
CA ASP B 12 18.65 -9.28 32.32
C ASP B 12 17.19 -9.69 32.16
N VAL B 13 16.56 -10.09 33.26
CA VAL B 13 15.16 -10.47 33.24
C VAL B 13 14.30 -9.23 33.06
N ARG B 14 14.67 -8.16 33.75
CA ARG B 14 13.91 -6.91 33.71
C ARG B 14 13.98 -6.26 32.34
N GLU B 15 15.14 -6.34 31.69
CA GLU B 15 15.31 -5.78 30.35
C GLU B 15 14.62 -6.64 29.31
N ALA B 16 14.51 -7.93 29.59
CA ALA B 16 13.85 -8.86 28.69
C ALA B 16 12.35 -8.60 28.66
N GLU B 17 11.82 -8.23 29.83
CA GLU B 17 10.42 -7.87 29.95
C GLU B 17 10.12 -6.60 29.18
N GLY B 18 11.10 -5.70 29.11
CA GLY B 18 10.94 -4.46 28.39
C GLY B 18 10.99 -4.60 26.89
N GLN B 19 11.86 -5.48 26.41
CA GLN B 19 12.00 -5.72 24.98
C GLN B 19 10.72 -6.34 24.42
N LEU B 20 10.14 -7.27 25.19
CA LEU B 20 8.89 -7.90 24.78
C LEU B 20 7.75 -6.89 24.79
N GLN B 21 7.79 -5.97 25.74
CA GLN B 21 6.76 -4.93 25.83
C GLN B 21 6.91 -3.93 24.69
N LYS B 22 8.15 -3.54 24.41
CA LYS B 22 8.43 -2.63 23.31
C LYS B 22 8.02 -3.27 21.98
N LEU B 23 8.27 -4.57 21.87
CA LEU B 23 7.93 -5.30 20.66
C LEU B 23 6.41 -5.41 20.53
N GLN B 24 5.73 -5.48 21.67
CA GLN B 24 4.27 -5.58 21.70
C GLN B 24 3.62 -4.32 21.16
N GLU B 25 4.16 -3.18 21.56
CA GLU B 25 3.64 -1.88 21.12
C GLU B 25 3.92 -1.68 19.63
N ALA B 26 5.05 -2.22 19.17
CA ALA B 26 5.45 -2.11 17.78
C ALA B 26 4.49 -2.89 16.87
N LEU B 27 4.19 -4.12 17.25
CA LEU B 27 3.29 -4.97 16.48
C LEU B 27 1.92 -4.34 16.33
N ARG B 28 1.40 -3.80 17.43
CA ARG B 28 0.08 -3.17 17.42
C ARG B 28 0.13 -1.84 16.66
N ARG B 29 1.32 -1.28 16.52
CA ARG B 29 1.48 0.00 15.84
C ARG B 29 1.50 -0.19 14.33
N LYS B 30 2.26 -1.18 13.87
CA LYS B 30 2.46 -1.39 12.43
C LYS B 30 1.38 -2.26 11.78
N TYR B 31 0.98 -3.34 12.46
CA TYR B 31 0.14 -4.35 11.83
C TYR B 31 -1.31 -4.35 12.32
N SER B 32 -1.80 -3.19 12.75
CA SER B 32 -3.21 -3.06 13.10
C SER B 32 -3.95 -2.28 12.02
N CYS B 33 -4.39 -2.99 10.99
CA CYS B 33 -5.02 -2.35 9.85
C CYS B 33 -6.54 -2.32 9.93
N ASP B 34 -7.16 -1.58 9.02
CA ASP B 34 -8.61 -1.53 8.91
C ASP B 34 -9.03 -1.83 7.48
N ARG B 35 -10.30 -1.60 7.18
CA ARG B 35 -10.86 -1.92 5.87
C ARG B 35 -10.43 -0.91 4.80
N SER B 36 -9.73 0.14 5.21
CA SER B 36 -9.29 1.17 4.27
C SER B 36 -7.94 0.82 3.66
N ALA B 37 -7.23 -0.12 4.28
CA ALA B 37 -5.90 -0.52 3.82
C ALA B 37 -5.96 -1.13 2.43
N THR B 38 -4.99 -0.78 1.60
CA THR B 38 -4.96 -1.22 0.20
C THR B 38 -4.32 -2.59 0.07
N VAL B 39 -4.46 -3.19 -1.11
CA VAL B 39 -3.88 -4.49 -1.39
C VAL B 39 -2.35 -4.40 -1.35
N THR B 40 -1.80 -3.37 -1.99
CA THR B 40 -0.35 -3.23 -2.08
C THR B 40 0.29 -3.03 -0.71
N ARG B 41 -0.38 -2.29 0.16
CA ARG B 41 0.14 -2.05 1.51
C ARG B 41 0.09 -3.31 2.36
N LEU B 42 -0.98 -4.07 2.22
CA LEU B 42 -1.14 -5.30 2.97
C LEU B 42 -0.06 -6.30 2.60
N GLU B 43 0.26 -6.37 1.32
CA GLU B 43 1.30 -7.26 0.83
C GLU B 43 2.66 -6.83 1.36
N ASP B 44 2.86 -5.52 1.47
CA ASP B 44 4.08 -4.98 2.04
C ASP B 44 4.19 -5.34 3.51
N LEU B 45 3.09 -5.16 4.25
CA LEU B 45 3.09 -5.38 5.69
C LEU B 45 3.22 -6.86 6.03
N LEU B 46 2.71 -7.72 5.15
CA LEU B 46 2.81 -9.16 5.36
C LEU B 46 4.26 -9.62 5.23
N GLN B 47 5.01 -8.98 4.34
CA GLN B 47 6.43 -9.26 4.22
C GLN B 47 7.18 -8.75 5.44
N ASP B 48 6.78 -7.58 5.93
CA ASP B 48 7.45 -6.94 7.06
C ASP B 48 7.08 -7.60 8.39
N ALA B 49 6.05 -8.43 8.37
CA ALA B 49 5.61 -9.11 9.59
C ALA B 49 6.51 -10.30 9.90
N GLN B 50 7.18 -10.82 8.87
CA GLN B 50 8.06 -11.97 9.02
C GLN B 50 9.32 -11.60 9.77
N ASP B 51 9.78 -10.36 9.58
CA ASP B 51 10.97 -9.87 10.25
C ASP B 51 10.80 -9.87 11.76
N GLU B 52 9.64 -9.42 12.22
CA GLU B 52 9.34 -9.40 13.65
C GLU B 52 9.26 -10.82 14.21
N LYS B 53 8.78 -11.76 13.39
CA LYS B 53 8.64 -13.14 13.82
C LYS B 53 10.02 -13.80 13.91
N GLU B 54 10.94 -13.32 13.10
CA GLU B 54 12.32 -13.81 13.12
C GLU B 54 13.00 -13.43 14.43
N GLN B 55 12.66 -12.24 14.93
CA GLN B 55 13.17 -11.77 16.21
C GLN B 55 12.61 -12.62 17.35
N LEU B 56 11.36 -13.05 17.19
CA LEU B 56 10.68 -13.85 18.20
C LEU B 56 11.28 -15.25 18.32
N ASN B 57 11.80 -15.76 17.21
CA ASN B 57 12.44 -17.08 17.20
C ASN B 57 13.79 -17.03 17.88
N GLU B 58 14.51 -15.93 17.69
CA GLU B 58 15.83 -15.76 18.30
C GLU B 58 15.68 -15.49 19.80
N TYR B 59 14.49 -15.07 20.20
CA TYR B 59 14.22 -14.75 21.59
C TYR B 59 13.81 -16.00 22.37
N LYS B 60 13.32 -17.00 21.64
CA LYS B 60 12.96 -18.28 22.24
C LYS B 60 14.18 -18.97 22.81
N GLY B 61 15.30 -18.87 22.10
CA GLY B 61 16.55 -19.43 22.56
C GLY B 61 17.20 -18.55 23.61
N HIS B 62 16.75 -17.31 23.66
CA HIS B 62 17.28 -16.35 24.63
C HIS B 62 16.66 -16.60 26.01
N LEU B 63 15.38 -16.96 26.02
CA LEU B 63 14.68 -17.27 27.25
C LEU B 63 15.09 -18.63 27.78
N SER B 64 15.70 -19.45 26.93
CA SER B 64 16.21 -20.74 27.35
C SER B 64 17.46 -20.54 28.18
N GLY B 65 18.25 -19.55 27.80
CA GLY B 65 19.45 -19.19 28.56
C GLY B 65 19.12 -18.60 29.91
N LEU B 66 18.06 -17.79 29.95
CA LEU B 66 17.59 -17.20 31.19
C LEU B 66 16.98 -18.26 32.09
N ALA B 67 16.37 -19.26 31.46
CA ALA B 67 15.76 -20.37 32.17
C ALA B 67 16.84 -21.25 32.81
N LYS B 68 17.97 -21.33 32.14
CA LYS B 68 19.12 -22.11 32.61
C LYS B 68 19.73 -21.44 33.84
N ARG B 69 19.82 -20.12 33.80
CA ARG B 69 20.39 -19.36 34.90
C ARG B 69 19.39 -19.14 36.03
N ALA B 70 18.12 -19.40 35.75
CA ALA B 70 17.05 -19.14 36.71
C ALA B 70 17.15 -20.02 37.94
N LYS B 71 17.24 -21.33 37.71
CA LYS B 71 17.21 -22.31 38.80
C LYS B 71 18.60 -22.72 39.24
N ALA B 72 19.56 -22.65 38.32
CA ALA B 72 20.91 -23.14 38.58
C ALA B 72 21.71 -22.23 39.51
N VAL B 73 21.14 -21.10 39.87
CA VAL B 73 21.82 -20.17 40.77
C VAL B 73 20.86 -19.65 41.82
N ASN B 79 14.67 -18.43 45.57
CA ASN B 79 15.01 -18.97 44.26
C ASN B 79 13.75 -19.29 43.47
N GLN B 80 12.63 -19.42 44.18
CA GLN B 80 11.35 -19.69 43.54
C GLN B 80 10.92 -18.48 42.72
N GLU B 81 11.24 -17.29 43.23
CA GLU B 81 10.91 -16.05 42.54
C GLU B 81 11.77 -15.86 41.30
N ALA B 82 12.96 -16.45 41.31
CA ALA B 82 13.88 -16.34 40.19
C ALA B 82 13.38 -17.11 38.97
N GLN B 83 12.94 -18.34 39.19
CA GLN B 83 12.49 -19.19 38.10
C GLN B 83 11.05 -18.84 37.68
N GLU B 84 10.29 -18.27 38.61
CA GLU B 84 8.93 -17.85 38.30
C GLU B 84 8.91 -16.61 37.42
N ALA B 85 9.96 -15.81 37.53
CA ALA B 85 10.07 -14.58 36.74
C ALA B 85 10.37 -14.91 35.28
N VAL B 86 11.29 -15.85 35.09
CA VAL B 86 11.65 -16.29 33.74
C VAL B 86 10.46 -17.01 33.11
N THR B 87 9.68 -17.68 33.95
CA THR B 87 8.47 -18.34 33.50
C THR B 87 7.44 -17.32 33.03
N ARG B 88 7.30 -16.23 33.79
CA ARG B 88 6.34 -15.18 33.47
C ARG B 88 6.67 -14.51 32.13
N LEU B 89 7.95 -14.44 31.80
CA LEU B 89 8.39 -13.88 30.53
C LEU B 89 8.02 -14.81 29.38
N GLU B 90 8.19 -16.10 29.58
CA GLU B 90 7.85 -17.09 28.56
C GLU B 90 6.35 -17.10 28.30
N ALA B 91 5.57 -16.68 29.30
CA ALA B 91 4.13 -16.53 29.13
C ALA B 91 3.83 -15.22 28.42
N GLN B 92 4.70 -14.23 28.62
CA GLN B 92 4.59 -12.95 27.94
C GLN B 92 5.08 -13.07 26.50
N HIS B 93 6.13 -13.88 26.32
CA HIS B 93 6.71 -14.11 25.00
C HIS B 93 5.76 -14.90 24.12
N GLN B 94 5.11 -15.90 24.71
CA GLN B 94 4.17 -16.74 23.97
C GLN B 94 2.92 -15.95 23.61
N ALA B 95 2.51 -15.05 24.49
CA ALA B 95 1.33 -14.23 24.27
C ALA B 95 1.55 -13.27 23.11
N LEU B 96 2.81 -13.00 22.78
CA LEU B 96 3.14 -12.17 21.62
C LEU B 96 2.93 -12.94 20.33
N VAL B 97 3.41 -14.18 20.31
CA VAL B 97 3.26 -15.04 19.14
C VAL B 97 1.79 -15.26 18.86
N THR B 98 0.99 -15.30 19.92
CA THR B 98 -0.45 -15.43 19.78
C THR B 98 -1.03 -14.17 19.13
N LEU B 99 -0.51 -13.02 19.51
CA LEU B 99 -0.95 -11.75 18.93
C LEU B 99 -0.44 -11.58 17.50
N TRP B 100 0.79 -12.04 17.27
CA TRP B 100 1.40 -11.93 15.94
C TRP B 100 0.52 -12.63 14.92
N HIS B 101 0.13 -13.87 15.21
CA HIS B 101 -0.72 -14.63 14.32
C HIS B 101 -2.13 -14.03 14.24
N GLN B 102 -2.55 -13.36 15.31
CA GLN B 102 -3.83 -12.69 15.30
C GLN B 102 -3.78 -11.49 14.36
N LEU B 103 -2.71 -10.70 14.46
CA LEU B 103 -2.51 -9.56 13.58
C LEU B 103 -2.21 -10.02 12.16
N HIS B 104 -1.63 -11.21 12.05
CA HIS B 104 -1.25 -11.76 10.75
C HIS B 104 -2.49 -12.25 10.00
N VAL B 105 -3.35 -12.96 10.70
CA VAL B 105 -4.55 -13.53 10.08
C VAL B 105 -5.54 -12.43 9.71
N ASP B 106 -5.45 -11.30 10.41
CA ASP B 106 -6.32 -10.16 10.12
C ASP B 106 -5.97 -9.56 8.77
N MET B 107 -4.67 -9.39 8.53
CA MET B 107 -4.20 -8.81 7.28
C MET B 107 -4.49 -9.72 6.08
N LYS B 108 -4.28 -11.03 6.27
CA LYS B 108 -4.57 -11.99 5.22
C LYS B 108 -6.06 -11.99 4.85
N SER B 109 -6.91 -11.88 5.86
CA SER B 109 -8.35 -11.82 5.65
C SER B 109 -8.72 -10.52 4.94
N LEU B 110 -8.07 -9.43 5.33
CA LEU B 110 -8.29 -8.14 4.69
C LEU B 110 -7.78 -8.16 3.25
N LEU B 111 -6.63 -8.80 3.05
CA LEU B 111 -6.04 -8.92 1.73
C LEU B 111 -6.93 -9.71 0.79
N ALA B 112 -7.51 -10.78 1.31
CA ALA B 112 -8.38 -11.64 0.52
C ALA B 112 -9.72 -10.97 0.27
N TRP B 113 -10.19 -10.18 1.23
CA TRP B 113 -11.48 -9.49 1.09
C TRP B 113 -11.40 -8.41 0.03
N GLN B 114 -10.30 -7.64 0.05
CA GLN B 114 -10.10 -6.58 -0.93
C GLN B 114 -9.85 -7.17 -2.31
N SER B 115 -9.20 -8.33 -2.35
CA SER B 115 -8.92 -9.02 -3.60
C SER B 115 -10.20 -9.55 -4.23
N LEU B 116 -11.07 -10.11 -3.39
CA LEU B 116 -12.34 -10.64 -3.87
C LEU B 116 -13.24 -9.52 -4.38
N ARG B 117 -13.15 -8.36 -3.72
CA ARG B 117 -13.93 -7.20 -4.13
C ARG B 117 -13.50 -6.71 -5.51
N ARG B 118 -12.20 -6.76 -5.78
CA ARG B 118 -11.67 -6.34 -7.07
C ARG B 118 -12.06 -7.31 -8.17
N ASP B 119 -12.16 -8.60 -7.82
CA ASP B 119 -12.53 -9.63 -8.77
C ASP B 119 -14.02 -9.55 -9.12
N VAL B 120 -14.86 -9.38 -8.10
CA VAL B 120 -16.30 -9.24 -8.28
C VAL B 120 -16.59 -8.00 -9.10
N GLN B 121 -15.86 -6.93 -8.83
CA GLN B 121 -16.05 -5.66 -9.53
C GLN B 121 -15.61 -5.78 -10.99
N LEU B 122 -14.61 -6.61 -11.25
CA LEU B 122 -14.06 -6.76 -12.59
C LEU B 122 -15.03 -7.45 -13.53
N ILE B 123 -15.78 -8.41 -13.00
CA ILE B 123 -16.73 -9.18 -13.79
C ILE B 123 -18.04 -8.41 -13.95
N ARG B 124 -18.30 -7.50 -13.01
CA ARG B 124 -19.48 -6.64 -13.09
C ARG B 124 -19.31 -5.63 -14.22
N SER B 125 -18.06 -5.33 -14.56
CA SER B 125 -17.76 -4.39 -15.63
C SER B 125 -18.01 -5.01 -17.00
N TRP B 126 -17.94 -6.34 -17.04
CA TRP B 126 -18.10 -7.08 -18.29
C TRP B 126 -19.52 -6.99 -18.85
N SER B 127 -19.63 -6.42 -20.04
CA SER B 127 -20.88 -6.48 -20.79
C SER B 127 -20.77 -7.62 -21.80
N LEU B 128 -21.85 -7.93 -22.49
CA LEU B 128 -21.83 -8.99 -23.50
C LEU B 128 -20.91 -8.63 -24.65
N ALA B 129 -20.70 -7.34 -24.84
CA ALA B 129 -19.82 -6.83 -25.89
C ALA B 129 -18.36 -6.88 -25.45
N THR B 130 -18.11 -6.50 -24.21
CA THR B 130 -16.75 -6.46 -23.67
C THR B 130 -16.22 -7.88 -23.43
N PHE B 131 -17.11 -8.79 -23.04
CA PHE B 131 -16.74 -10.16 -22.76
C PHE B 131 -16.24 -10.88 -24.02
N ARG B 132 -16.85 -10.54 -25.15
CA ARG B 132 -16.49 -11.16 -26.42
C ARG B 132 -15.13 -10.67 -26.92
N THR B 133 -14.79 -9.43 -26.59
CA THR B 133 -13.51 -8.84 -26.99
C THR B 133 -12.38 -9.38 -26.13
N LEU B 134 -12.72 -9.99 -25.00
CA LEU B 134 -11.71 -10.55 -24.11
C LEU B 134 -11.29 -11.94 -24.59
N LYS B 135 -9.99 -12.18 -24.62
CA LYS B 135 -9.46 -13.47 -25.04
C LYS B 135 -9.74 -14.53 -23.98
N GLU B 137 -7.70 -16.48 -22.77
CA GLU B 137 -6.53 -16.55 -21.91
C GLU B 137 -6.77 -15.74 -20.63
N GLU B 138 -7.32 -14.55 -20.79
CA GLU B 138 -7.60 -13.68 -19.65
C GLU B 138 -8.96 -13.99 -19.04
N GLN B 139 -9.84 -14.61 -19.84
CA GLN B 139 -11.18 -14.96 -19.40
C GLN B 139 -11.14 -16.08 -18.37
N ARG B 140 -10.12 -16.93 -18.48
CA ARG B 140 -9.95 -18.04 -17.56
C ARG B 140 -9.35 -17.57 -16.23
N GLN B 141 -8.33 -16.72 -16.31
CA GLN B 141 -7.64 -16.22 -15.12
C GLN B 141 -8.57 -15.47 -14.18
N ALA B 142 -9.51 -14.72 -14.74
CA ALA B 142 -10.41 -13.88 -13.94
C ALA B 142 -11.27 -14.71 -13.00
N LEU B 143 -11.72 -15.87 -13.47
CA LEU B 143 -12.54 -16.76 -12.67
C LEU B 143 -11.70 -17.44 -11.59
N HIS B 144 -10.47 -17.80 -11.95
CA HIS B 144 -9.55 -18.42 -11.01
C HIS B 144 -9.21 -17.47 -9.88
N SER B 145 -8.88 -16.23 -10.22
CA SER B 145 -8.54 -15.22 -9.22
C SER B 145 -9.74 -14.95 -8.30
N LEU B 146 -10.94 -15.07 -8.85
CA LEU B 146 -12.16 -14.90 -8.06
C LEU B 146 -12.28 -16.01 -7.03
N GLU B 147 -12.24 -17.25 -7.49
CA GLU B 147 -12.41 -18.41 -6.62
C GLU B 147 -11.24 -18.57 -5.65
N LEU B 148 -10.04 -18.27 -6.10
CA LEU B 148 -8.84 -18.38 -5.26
C LEU B 148 -8.93 -17.42 -4.09
N HIS B 149 -9.31 -16.18 -4.37
CA HIS B 149 -9.45 -15.16 -3.33
C HIS B 149 -10.72 -15.39 -2.52
N TYR B 150 -11.68 -16.09 -3.12
CA TYR B 150 -12.92 -16.43 -2.42
C TYR B 150 -12.67 -17.56 -1.42
N GLN B 151 -11.93 -18.58 -1.86
CA GLN B 151 -11.61 -19.70 -1.00
C GLN B 151 -10.61 -19.30 0.08
N ALA B 152 -9.72 -18.37 -0.27
CA ALA B 152 -8.73 -17.87 0.70
C ALA B 152 -9.39 -16.96 1.72
N PHE B 153 -10.42 -16.23 1.29
CA PHE B 153 -11.15 -15.35 2.20
C PHE B 153 -11.93 -16.15 3.23
N LEU B 154 -12.65 -17.16 2.76
CA LEU B 154 -13.44 -18.02 3.63
C LEU B 154 -12.57 -18.79 4.62
N ARG B 155 -11.36 -19.13 4.19
CA ARG B 155 -10.48 -19.97 5.00
C ARG B 155 -9.84 -19.21 6.16
N ASP B 156 -9.71 -17.90 6.01
CA ASP B 156 -8.98 -17.10 7.00
C ASP B 156 -9.82 -15.99 7.63
N SER B 157 -11.13 -16.01 7.43
CA SER B 157 -12.01 -14.99 8.00
C SER B 157 -12.69 -15.47 9.27
N GLN B 158 -12.43 -16.71 9.65
CA GLN B 158 -13.02 -17.29 10.85
C GLN B 158 -12.36 -16.71 12.11
N ASP B 159 -11.06 -16.95 12.25
CA ASP B 159 -10.33 -16.49 13.42
C ASP B 159 -10.09 -14.99 13.39
N ALA B 160 -10.30 -14.38 12.23
CA ALA B 160 -10.09 -12.94 12.06
C ALA B 160 -11.20 -12.15 12.74
N GLY B 161 -10.85 -10.98 13.27
CA GLY B 161 -11.81 -10.13 13.95
C GLY B 161 -12.48 -9.11 13.04
N PRO B 165 -20.11 -12.88 10.93
CA PRO B 165 -20.43 -14.02 10.06
C PRO B 165 -21.34 -13.63 8.89
N GLU B 166 -22.00 -12.49 9.01
CA GLU B 166 -22.88 -12.00 7.96
C GLU B 166 -22.06 -11.53 6.76
N ASP B 167 -20.86 -11.03 7.03
CA ASP B 167 -19.97 -10.58 5.97
C ASP B 167 -19.42 -11.77 5.20
N ARG B 168 -19.30 -12.90 5.88
CA ARG B 168 -18.84 -14.14 5.25
C ARG B 168 -19.94 -14.70 4.37
N LEU B 169 -21.18 -14.55 4.83
CA LEU B 169 -22.35 -14.98 4.06
C LEU B 169 -22.62 -13.99 2.93
N MET B 170 -22.22 -12.74 3.15
CA MET B 170 -22.35 -11.69 2.14
C MET B 170 -21.42 -12.00 0.98
N ALA B 171 -20.26 -12.58 1.31
CA ALA B 171 -19.27 -12.95 0.31
C ALA B 171 -19.86 -13.93 -0.71
N GLU B 172 -20.61 -14.91 -0.21
CA GLU B 172 -21.24 -15.91 -1.07
C GLU B 172 -22.33 -15.27 -1.93
N ARG B 173 -22.94 -14.20 -1.42
CA ARG B 173 -23.99 -13.50 -2.14
C ARG B 173 -23.43 -12.76 -3.36
N GLU B 174 -22.30 -12.07 -3.16
CA GLU B 174 -21.65 -11.33 -4.24
C GLU B 174 -20.93 -12.27 -5.18
N TYR B 175 -20.38 -13.35 -4.63
CA TYR B 175 -19.67 -14.36 -5.41
C TYR B 175 -20.63 -15.09 -6.35
N GLY B 176 -21.79 -15.45 -5.84
CA GLY B 176 -22.79 -16.16 -6.62
C GLY B 176 -23.40 -15.31 -7.72
N SER B 177 -23.55 -14.03 -7.45
CA SER B 177 -24.12 -13.09 -8.43
C SER B 177 -23.18 -12.91 -9.61
N CYS B 178 -21.89 -12.94 -9.34
CA CYS B 178 -20.88 -12.78 -10.39
C CYS B 178 -20.71 -14.09 -11.17
N SER B 179 -20.86 -15.21 -10.47
CA SER B 179 -20.73 -16.52 -11.08
C SER B 179 -21.87 -16.78 -12.06
N HIS B 180 -23.05 -16.25 -11.74
CA HIS B 180 -24.21 -16.40 -12.61
C HIS B 180 -24.07 -15.49 -13.84
N HIS B 181 -23.35 -14.39 -13.66
CA HIS B 181 -23.12 -13.44 -14.75
C HIS B 181 -22.18 -14.02 -15.79
N TYR B 182 -21.19 -14.78 -15.33
CA TYR B 182 -20.24 -15.43 -16.23
C TYR B 182 -20.90 -16.56 -17.01
N GLN B 183 -21.80 -17.29 -16.33
CA GLN B 183 -22.53 -18.36 -16.97
C GLN B 183 -23.45 -17.80 -18.06
N GLN B 184 -23.96 -16.61 -17.84
CA GLN B 184 -24.79 -15.94 -18.82
C GLN B 184 -23.93 -15.39 -19.96
N LEU B 185 -22.70 -15.00 -19.62
CA LEU B 185 -21.77 -14.48 -20.60
C LEU B 185 -21.27 -15.60 -21.51
N LEU B 186 -21.03 -16.78 -20.94
CA LEU B 186 -20.56 -17.92 -21.70
C LEU B 186 -21.66 -18.98 -21.83
#